data_3Q91
#
_entry.id   3Q91
#
_cell.length_a   84.040
_cell.length_b   106.240
_cell.length_c   106.350
_cell.angle_alpha   90.00
_cell.angle_beta   90.00
_cell.angle_gamma   90.00
#
_symmetry.space_group_name_H-M   'P 2 21 21'
#
loop_
_entity.id
_entity.type
_entity.pdbx_description
1 polymer 'Uridine diphosphate glucose pyrophosphatase'
2 water water
#
_entity_poly.entity_id   1
_entity_poly.type   'polypeptide(L)'
_entity_poly.pdbx_seq_one_letter_code
;MHHHHHHSSGVDLGTENLYFQSMNGAQKSWDFMKTHDSVTVLLFNSSRRSLVLVKQFRPAVYAGEVERRFPGSLAAVDQD
GPRELQPALPGSAGVTVELCAGLVDQPGLSLEEVACKEAWEECGYHLAPSDLRRVATYWSGVGLTGSRQTMFYTEVTDAQ
RSGPGGGLVEEGELIEVVHLPLEGAQAFADDPDIPKTLGVIFGVSWFLSQVAPNLDLQ
;
_entity_poly.pdbx_strand_id   A,C,B,D
#
# COMPACT_ATOMS: atom_id res chain seq x y z
N THR A 35 -19.03 -18.91 0.17
CA THR A 35 -17.77 -18.75 -0.61
C THR A 35 -16.53 -18.99 0.25
N HIS A 36 -15.40 -19.19 -0.42
CA HIS A 36 -14.09 -19.42 0.22
C HIS A 36 -13.01 -18.86 -0.69
N ASP A 37 -11.80 -18.68 -0.16
CA ASP A 37 -10.62 -18.37 -0.96
C ASP A 37 -10.18 -19.60 -1.77
N SER A 38 -9.15 -19.42 -2.59
CA SER A 38 -8.61 -20.54 -3.35
C SER A 38 -7.16 -20.33 -3.77
N VAL A 39 -6.57 -21.42 -4.26
CA VAL A 39 -5.19 -21.45 -4.71
C VAL A 39 -5.07 -22.31 -5.95
N THR A 40 -4.13 -21.94 -6.79
CA THR A 40 -3.79 -22.69 -7.98
C THR A 40 -2.28 -22.73 -8.00
N VAL A 41 -1.72 -23.77 -8.60
CA VAL A 41 -0.29 -23.90 -8.66
C VAL A 41 0.17 -24.45 -10.00
N LEU A 42 1.09 -23.75 -10.64
CA LEU A 42 1.72 -24.21 -11.89
C LEU A 42 3.08 -24.85 -11.63
N LEU A 43 3.18 -26.16 -11.84
CA LEU A 43 4.45 -26.84 -11.71
C LEU A 43 5.19 -26.91 -13.05
N PHE A 44 6.51 -26.69 -13.01
CA PHE A 44 7.40 -27.03 -14.13
C PHE A 44 8.34 -28.19 -13.73
N ASN A 45 8.25 -29.30 -14.49
CA ASN A 45 9.06 -30.49 -14.26
C ASN A 45 10.28 -30.46 -15.18
N SER A 46 11.38 -29.94 -14.68
CA SER A 46 12.58 -29.77 -15.51
C SER A 46 13.10 -31.09 -16.07
N SER A 47 12.80 -32.19 -15.39
CA SER A 47 13.19 -33.53 -15.85
C SER A 47 12.42 -33.98 -17.09
N ARG A 48 11.51 -33.16 -17.58
CA ARG A 48 10.84 -33.44 -18.83
C ARG A 48 10.61 -32.20 -19.69
N ARG A 49 11.19 -31.07 -19.29
CA ARG A 49 10.83 -29.76 -19.86
C ARG A 49 9.32 -29.74 -20.14
N SER A 50 8.54 -29.81 -19.08
CA SER A 50 7.09 -29.90 -19.20
C SER A 50 6.41 -29.11 -18.12
N LEU A 51 5.19 -28.67 -18.41
CA LEU A 51 4.35 -28.06 -17.40
C LEU A 51 3.37 -29.11 -16.97
N VAL A 52 3.09 -29.16 -15.67
CA VAL A 52 2.17 -30.12 -15.12
C VAL A 52 0.82 -29.42 -15.02
N LEU A 53 -0.17 -29.99 -15.71
CA LEU A 53 -1.53 -29.45 -15.66
C LEU A 53 -2.47 -30.61 -15.35
N VAL A 54 -3.75 -30.32 -15.17
CA VAL A 54 -4.76 -31.37 -15.02
C VAL A 54 -5.91 -31.18 -16.01
N LYS A 55 -6.52 -32.29 -16.40
CA LYS A 55 -7.73 -32.29 -17.18
C LYS A 55 -8.84 -32.60 -16.22
N GLN A 56 -9.99 -31.97 -16.39
CA GLN A 56 -11.12 -32.26 -15.53
C GLN A 56 -12.39 -32.06 -16.33
N PHE A 57 -13.44 -32.77 -15.96
CA PHE A 57 -14.70 -32.65 -16.65
C PHE A 57 -15.47 -31.51 -16.02
N ARG A 58 -15.89 -30.57 -16.84
CA ARG A 58 -16.79 -29.50 -16.39
C ARG A 58 -18.12 -29.60 -17.15
N PRO A 59 -19.24 -29.76 -16.41
CA PRO A 59 -20.58 -29.80 -17.02
C PRO A 59 -20.89 -28.61 -17.91
N ALA A 60 -20.52 -27.41 -17.44
CA ALA A 60 -20.76 -26.18 -18.20
C ALA A 60 -20.17 -26.26 -19.62
N VAL A 61 -18.97 -26.81 -19.76
CA VAL A 61 -18.36 -26.98 -21.07
C VAL A 61 -19.11 -28.05 -21.89
N TYR A 62 -19.60 -29.08 -21.21
CA TYR A 62 -20.38 -30.13 -21.87
C TYR A 62 -21.68 -29.51 -22.38
N ALA A 63 -22.42 -28.86 -21.48
CA ALA A 63 -23.67 -28.18 -21.82
C ALA A 63 -23.48 -27.22 -22.99
N GLY A 64 -22.35 -26.53 -23.00
CA GLY A 64 -21.99 -25.60 -24.07
C GLY A 64 -21.71 -26.31 -25.38
N GLU A 65 -20.93 -27.39 -25.34
CA GLU A 65 -20.63 -28.15 -26.56
C GLU A 65 -21.81 -29.00 -27.04
N VAL A 66 -22.82 -29.19 -26.19
CA VAL A 66 -24.09 -29.83 -26.60
C VAL A 66 -25.12 -28.77 -27.05
N GLU A 67 -24.64 -27.79 -27.82
CA GLU A 67 -25.49 -26.71 -28.36
C GLU A 67 -24.91 -26.20 -29.69
N ALA A 93 -14.96 -34.52 -24.79
CA ALA A 93 -15.48 -33.15 -24.65
C ALA A 93 -16.15 -32.99 -23.29
N GLY A 94 -16.45 -31.76 -22.93
CA GLY A 94 -16.74 -31.42 -21.53
C GLY A 94 -15.47 -31.37 -20.68
N VAL A 95 -14.34 -31.73 -21.30
CA VAL A 95 -13.08 -31.97 -20.61
C VAL A 95 -12.16 -30.76 -20.77
N THR A 96 -11.87 -30.11 -19.65
CA THR A 96 -11.16 -28.83 -19.66
C THR A 96 -9.78 -28.95 -18.97
N VAL A 97 -8.75 -28.43 -19.63
CA VAL A 97 -7.41 -28.36 -19.07
C VAL A 97 -7.32 -27.15 -18.11
N GLU A 98 -6.83 -27.38 -16.90
CA GLU A 98 -6.81 -26.37 -15.83
C GLU A 98 -5.50 -26.48 -15.04
N LEU A 99 -5.10 -25.39 -14.39
CA LEU A 99 -4.04 -25.45 -13.38
C LEU A 99 -4.53 -26.24 -12.18
N CYS A 100 -3.65 -27.05 -11.59
CA CYS A 100 -3.93 -27.74 -10.33
C CYS A 100 -4.39 -26.72 -9.32
N ALA A 101 -5.51 -26.98 -8.67
CA ALA A 101 -6.15 -25.95 -7.84
C ALA A 101 -6.94 -26.53 -6.69
N GLY A 102 -7.35 -25.64 -5.78
CA GLY A 102 -8.21 -26.04 -4.66
C GLY A 102 -8.62 -24.90 -3.74
N LEU A 103 -9.69 -25.14 -2.98
CA LEU A 103 -10.22 -24.15 -2.05
C LEU A 103 -9.60 -24.27 -0.67
N VAL A 104 -9.66 -23.19 0.10
CA VAL A 104 -9.18 -23.18 1.46
C VAL A 104 -10.33 -23.56 2.39
N ASP A 105 -10.72 -24.83 2.32
CA ASP A 105 -11.75 -25.38 3.19
C ASP A 105 -11.24 -25.40 4.62
N GLN A 106 -10.00 -25.85 4.79
CA GLN A 106 -9.48 -26.19 6.11
C GLN A 106 -9.01 -24.95 6.86
N PRO A 107 -9.61 -24.66 8.03
CA PRO A 107 -9.21 -23.51 8.83
C PRO A 107 -7.89 -23.77 9.59
N GLY A 108 -6.84 -23.06 9.22
CA GLY A 108 -5.53 -23.18 9.86
C GLY A 108 -4.47 -23.81 8.95
N LEU A 109 -4.45 -23.39 7.69
CA LEU A 109 -3.48 -23.86 6.71
C LEU A 109 -3.01 -22.71 5.84
N SER A 110 -1.70 -22.61 5.66
CA SER A 110 -1.13 -21.68 4.71
C SER A 110 -1.80 -21.88 3.37
N LEU A 111 -1.94 -20.79 2.63
CA LEU A 111 -2.29 -20.88 1.23
C LEU A 111 -1.34 -21.90 0.60
N GLU A 112 -0.04 -21.72 0.85
CA GLU A 112 1.00 -22.57 0.23
C GLU A 112 0.85 -24.03 0.63
N GLU A 113 0.28 -24.29 1.79
CA GLU A 113 0.03 -25.66 2.22
C GLU A 113 -1.13 -26.27 1.44
N VAL A 114 -2.19 -25.49 1.22
CA VAL A 114 -3.27 -25.95 0.35
C VAL A 114 -2.74 -26.26 -1.04
N ALA A 115 -1.79 -25.46 -1.51
CA ALA A 115 -1.17 -25.70 -2.81
C ALA A 115 -0.53 -27.10 -2.89
N CYS A 116 0.19 -27.46 -1.83
CA CYS A 116 0.95 -28.70 -1.81
C CYS A 116 0.01 -29.87 -1.72
N LYS A 117 -0.99 -29.74 -0.85
CA LYS A 117 -2.05 -30.74 -0.74
C LYS A 117 -2.56 -31.09 -2.12
N GLU A 118 -2.93 -30.07 -2.89
CA GLU A 118 -3.52 -30.27 -4.20
C GLU A 118 -2.48 -30.67 -5.22
N ALA A 119 -1.26 -30.16 -5.09
CA ALA A 119 -0.16 -30.69 -5.93
C ALA A 119 -0.05 -32.23 -5.78
N TRP A 120 -0.23 -32.72 -4.55
CA TRP A 120 -0.15 -34.15 -4.25
C TRP A 120 -1.37 -34.93 -4.68
N GLU A 121 -2.55 -34.48 -4.27
CA GLU A 121 -3.80 -35.20 -4.52
C GLU A 121 -4.19 -35.17 -6.01
N GLU A 122 -3.98 -34.04 -6.66
CA GLU A 122 -4.42 -33.88 -8.06
C GLU A 122 -3.35 -34.34 -9.05
N CYS A 123 -2.11 -33.94 -8.80
CA CYS A 123 -0.99 -34.13 -9.73
C CYS A 123 -0.03 -35.23 -9.30
N GLY A 124 -0.11 -35.63 -8.04
CA GLY A 124 0.79 -36.66 -7.51
C GLY A 124 2.23 -36.17 -7.51
N TYR A 125 2.45 -34.96 -6.99
CA TYR A 125 3.79 -34.44 -6.81
C TYR A 125 3.99 -34.07 -5.35
N HIS A 126 5.13 -34.42 -4.78
CA HIS A 126 5.50 -33.94 -3.47
C HIS A 126 6.03 -32.51 -3.57
N LEU A 127 5.51 -31.62 -2.71
CA LEU A 127 5.95 -30.22 -2.65
C LEU A 127 6.18 -29.70 -1.23
N ALA A 128 7.18 -28.83 -1.08
CA ALA A 128 7.40 -28.10 0.17
C ALA A 128 6.91 -26.67 0.01
N PRO A 129 6.18 -26.14 1.01
CA PRO A 129 5.72 -24.74 0.94
C PRO A 129 6.85 -23.75 0.62
N SER A 130 8.03 -24.03 1.14
CA SER A 130 9.23 -23.25 0.83
C SER A 130 9.59 -23.23 -0.65
N ASP A 131 9.28 -24.32 -1.36
CA ASP A 131 9.59 -24.44 -2.78
C ASP A 131 8.71 -23.55 -3.66
N LEU A 132 7.54 -23.17 -3.16
CA LEU A 132 6.59 -22.37 -3.94
C LEU A 132 6.94 -20.89 -3.93
N ARG A 133 6.59 -20.22 -5.01
CA ARG A 133 6.81 -18.78 -5.21
C ARG A 133 5.49 -18.19 -5.71
N ARG A 134 5.04 -17.12 -5.07
CA ARG A 134 3.77 -16.56 -5.45
C ARG A 134 3.94 -15.85 -6.77
N VAL A 135 2.99 -16.07 -7.67
CA VAL A 135 3.03 -15.53 -9.02
C VAL A 135 2.06 -14.38 -9.14
N ALA A 136 0.85 -14.54 -8.61
CA ALA A 136 -0.13 -13.45 -8.59
C ALA A 136 -1.28 -13.75 -7.64
N THR A 137 -2.12 -12.74 -7.44
CA THR A 137 -3.25 -12.83 -6.53
C THR A 137 -4.35 -11.89 -7.00
N TYR A 138 -5.57 -12.41 -7.06
CA TYR A 138 -6.63 -11.75 -7.79
C TYR A 138 -8.00 -12.16 -7.28
N TRP A 139 -9.04 -11.58 -7.86
CA TRP A 139 -10.41 -11.82 -7.45
C TRP A 139 -11.22 -12.42 -8.61
N SER A 140 -12.19 -13.27 -8.28
CA SER A 140 -13.09 -13.90 -9.26
C SER A 140 -14.55 -13.79 -8.83
N GLY A 141 -15.46 -13.69 -9.80
CA GLY A 141 -16.89 -13.57 -9.51
C GLY A 141 -17.28 -12.20 -9.01
N THR A 145 -20.44 -12.33 -4.44
CA THR A 145 -20.30 -13.68 -4.98
C THR A 145 -18.83 -14.06 -5.29
N GLY A 146 -17.89 -13.23 -4.84
CA GLY A 146 -16.49 -13.31 -5.29
C GLY A 146 -15.49 -13.91 -4.33
N SER A 147 -14.48 -14.60 -4.88
CA SER A 147 -13.44 -15.28 -4.11
C SER A 147 -12.03 -14.80 -4.48
N ARG A 148 -11.23 -14.45 -3.47
CA ARG A 148 -9.80 -14.19 -3.64
C ARG A 148 -9.14 -15.49 -4.09
N GLN A 149 -8.11 -15.38 -4.93
CA GLN A 149 -7.38 -16.56 -5.42
C GLN A 149 -5.91 -16.24 -5.62
N THR A 150 -5.06 -17.22 -5.34
CA THR A 150 -3.61 -17.01 -5.39
C THR A 150 -2.94 -18.08 -6.20
N MET A 151 -2.11 -17.65 -7.14
CA MET A 151 -1.38 -18.58 -7.99
C MET A 151 0.03 -18.77 -7.51
N PHE A 152 0.51 -20.01 -7.54
CA PHE A 152 1.86 -20.34 -7.12
C PHE A 152 2.59 -21.06 -8.24
N TYR A 153 3.91 -20.93 -8.28
CA TYR A 153 4.73 -21.63 -9.27
C TYR A 153 5.89 -22.28 -8.56
N THR A 154 6.28 -23.45 -9.02
CA THR A 154 7.45 -24.11 -8.46
C THR A 154 8.10 -25.05 -9.48
N GLU A 155 9.42 -25.19 -9.36
CA GLU A 155 10.16 -26.11 -10.20
C GLU A 155 10.16 -27.46 -9.49
N VAL A 156 9.82 -28.53 -10.21
CA VAL A 156 9.89 -29.89 -9.68
C VAL A 156 10.73 -30.75 -10.60
N THR A 157 11.17 -31.90 -10.10
CA THR A 157 11.86 -32.90 -10.90
C THR A 157 11.18 -34.24 -10.65
N ASP A 158 11.57 -35.29 -11.37
CA ASP A 158 10.89 -36.58 -11.28
C ASP A 158 10.97 -37.22 -9.88
N ALA A 159 11.97 -36.81 -9.08
CA ALA A 159 12.09 -37.30 -7.70
C ALA A 159 10.90 -36.88 -6.85
N GLN A 160 10.19 -35.85 -7.28
CA GLN A 160 8.97 -35.42 -6.57
C GLN A 160 7.69 -36.10 -7.07
N ARG A 161 7.81 -37.05 -7.99
CA ARG A 161 6.64 -37.64 -8.63
C ARG A 161 6.27 -38.99 -8.05
N SER A 162 5.00 -39.20 -7.75
CA SER A 162 4.48 -40.53 -7.39
C SER A 162 4.70 -41.50 -8.54
N GLY A 172 -14.71 -39.89 -4.93
CA GLY A 172 -14.02 -38.62 -5.14
C GLY A 172 -14.27 -38.00 -6.50
N GLU A 173 -13.27 -37.28 -7.01
CA GLU A 173 -13.36 -36.50 -8.25
C GLU A 173 -13.04 -37.33 -9.50
N LEU A 174 -12.69 -36.65 -10.60
CA LEU A 174 -12.32 -37.32 -11.83
C LEU A 174 -11.31 -36.44 -12.61
N ILE A 175 -10.07 -36.43 -12.10
CA ILE A 175 -9.01 -35.55 -12.58
C ILE A 175 -7.84 -36.36 -13.12
N GLU A 176 -7.40 -36.03 -14.33
CA GLU A 176 -6.25 -36.68 -14.94
C GLU A 176 -5.15 -35.67 -15.13
N VAL A 177 -4.04 -35.87 -14.43
CA VAL A 177 -2.83 -35.07 -14.59
C VAL A 177 -2.30 -35.07 -16.04
N VAL A 178 -1.66 -33.97 -16.43
CA VAL A 178 -1.22 -33.76 -17.81
C VAL A 178 0.16 -33.12 -17.85
N HIS A 179 0.96 -33.53 -18.83
CA HIS A 179 2.26 -32.91 -19.07
C HIS A 179 2.34 -32.27 -20.45
N LEU A 180 2.65 -30.98 -20.46
CA LEU A 180 2.65 -30.17 -21.65
C LEU A 180 4.09 -29.79 -21.99
N PRO A 181 4.67 -30.40 -23.04
CA PRO A 181 6.06 -30.05 -23.37
C PRO A 181 6.19 -28.59 -23.71
N LEU A 182 7.20 -27.93 -23.15
CA LEU A 182 7.40 -26.50 -23.35
C LEU A 182 7.28 -26.11 -24.83
N GLU A 183 8.03 -26.80 -25.69
CA GLU A 183 8.02 -26.53 -27.13
C GLU A 183 6.64 -26.17 -27.66
N GLY A 184 5.65 -27.03 -27.40
CA GLY A 184 4.32 -26.87 -27.97
C GLY A 184 3.32 -26.21 -27.04
N ALA A 185 3.82 -25.51 -26.03
CA ALA A 185 2.98 -24.93 -25.01
C ALA A 185 2.18 -23.77 -25.56
N GLN A 186 2.86 -22.81 -26.16
CA GLN A 186 2.21 -21.59 -26.64
C GLN A 186 1.21 -21.91 -27.73
N ALA A 187 1.62 -22.78 -28.66
CA ALA A 187 0.71 -23.34 -29.64
C ALA A 187 -0.52 -23.90 -28.94
N PHE A 188 -0.32 -24.62 -27.84
CA PHE A 188 -1.44 -25.23 -27.12
C PHE A 188 -2.38 -24.17 -26.55
N ALA A 189 -1.81 -23.18 -25.89
CA ALA A 189 -2.58 -22.08 -25.29
C ALA A 189 -3.50 -21.37 -26.30
N ASP A 190 -3.05 -21.24 -27.54
CA ASP A 190 -3.80 -20.49 -28.57
C ASP A 190 -4.83 -21.31 -29.34
N ASP A 191 -4.62 -22.62 -29.41
CA ASP A 191 -5.56 -23.51 -30.10
C ASP A 191 -6.90 -23.49 -29.35
N PRO A 192 -7.90 -22.80 -29.91
CA PRO A 192 -9.14 -22.59 -29.17
C PRO A 192 -10.06 -23.80 -29.17
N ASP A 193 -9.73 -24.84 -29.93
CA ASP A 193 -10.52 -26.06 -29.96
C ASP A 193 -10.32 -26.93 -28.72
N ILE A 194 -9.32 -26.61 -27.89
CA ILE A 194 -9.08 -27.30 -26.62
C ILE A 194 -9.48 -26.44 -25.44
N PRO A 195 -10.58 -26.76 -24.74
CA PRO A 195 -10.97 -25.93 -23.62
C PRO A 195 -9.86 -25.76 -22.58
N LYS A 196 -9.55 -24.50 -22.25
CA LYS A 196 -8.63 -24.15 -21.16
C LYS A 196 -9.30 -23.12 -20.28
N THR A 197 -8.65 -22.80 -19.19
CA THR A 197 -9.08 -21.76 -18.29
C THR A 197 -8.13 -20.58 -18.49
N LEU A 198 -8.53 -19.38 -18.10
CA LEU A 198 -7.64 -18.21 -18.21
C LEU A 198 -6.32 -18.52 -17.51
N GLY A 199 -6.44 -19.19 -16.37
CA GLY A 199 -5.31 -19.60 -15.56
C GLY A 199 -4.24 -20.32 -16.34
N VAL A 200 -4.64 -21.38 -17.02
CA VAL A 200 -3.72 -22.09 -17.87
C VAL A 200 -3.10 -21.15 -18.88
N ILE A 201 -3.92 -20.26 -19.45
CA ILE A 201 -3.39 -19.37 -20.50
C ILE A 201 -2.34 -18.43 -19.94
N PHE A 202 -2.66 -17.81 -18.81
CA PHE A 202 -1.70 -16.96 -18.11
C PHE A 202 -0.52 -17.74 -17.60
N GLY A 203 -0.81 -18.89 -17.00
CA GLY A 203 0.23 -19.78 -16.55
C GLY A 203 1.19 -19.97 -17.70
N VAL A 204 0.70 -20.56 -18.77
CA VAL A 204 1.52 -20.82 -19.97
C VAL A 204 2.20 -19.56 -20.53
N SER A 205 1.59 -18.39 -20.31
CA SER A 205 2.13 -17.15 -20.84
C SER A 205 3.22 -16.61 -19.94
N TRP A 206 2.88 -16.43 -18.66
CA TRP A 206 3.78 -15.85 -17.67
C TRP A 206 5.07 -16.64 -17.59
N PHE A 207 4.93 -17.96 -17.58
CA PHE A 207 6.08 -18.84 -17.59
C PHE A 207 7.02 -18.40 -18.69
N LEU A 208 6.54 -18.49 -19.93
CA LEU A 208 7.39 -18.31 -21.12
C LEU A 208 8.10 -16.96 -21.15
N SER A 209 7.49 -15.92 -20.59
CA SER A 209 8.13 -14.60 -20.54
C SER A 209 9.07 -14.43 -19.33
N GLN A 210 8.68 -14.97 -18.17
CA GLN A 210 9.37 -14.68 -16.90
C GLN A 210 10.38 -15.74 -16.43
N VAL A 211 10.17 -17.00 -16.83
CA VAL A 211 11.02 -18.11 -16.40
C VAL A 211 11.82 -18.70 -17.54
N ALA A 212 11.15 -19.02 -18.65
CA ALA A 212 11.77 -19.71 -19.79
C ALA A 212 13.05 -19.07 -20.36
N PRO A 213 13.12 -17.71 -20.43
CA PRO A 213 14.38 -17.13 -20.89
C PRO A 213 15.59 -17.40 -19.97
N ASN A 214 15.33 -17.63 -18.69
CA ASN A 214 16.39 -17.88 -17.71
C ASN A 214 16.82 -19.34 -17.63
N LEU A 215 16.08 -20.22 -18.31
CA LEU A 215 16.39 -21.66 -18.32
C LEU A 215 17.19 -22.05 -19.56
N ASP A 216 17.54 -23.33 -19.66
CA ASP A 216 18.25 -23.87 -20.81
C ASP A 216 17.25 -24.26 -21.90
N HIS B 36 5.88 18.47 -2.16
CA HIS B 36 7.29 18.59 -1.72
C HIS B 36 7.58 17.80 -0.43
N ASP B 37 8.16 16.61 -0.58
CA ASP B 37 8.57 15.78 0.55
C ASP B 37 9.72 16.44 1.30
N SER B 38 9.82 16.15 2.59
CA SER B 38 10.86 16.71 3.42
C SER B 38 11.56 15.62 4.20
N VAL B 39 12.66 16.01 4.87
CA VAL B 39 13.40 15.13 5.74
C VAL B 39 13.89 15.92 6.96
N THR B 40 14.08 15.21 8.07
CA THR B 40 14.55 15.80 9.29
C THR B 40 15.58 14.85 9.83
N VAL B 41 16.63 15.37 10.47
CA VAL B 41 17.63 14.51 11.09
C VAL B 41 17.86 14.89 12.54
N LEU B 42 17.94 13.87 13.39
CA LEU B 42 18.35 14.03 14.79
C LEU B 42 19.78 13.50 14.90
N LEU B 43 20.68 14.33 15.41
CA LEU B 43 22.04 13.92 15.66
C LEU B 43 22.24 13.85 17.16
N PHE B 44 22.92 12.79 17.61
CA PHE B 44 23.42 12.73 18.98
C PHE B 44 24.96 12.75 18.98
N ASN B 45 25.51 13.72 19.69
CA ASN B 45 26.95 13.85 19.83
C ASN B 45 27.45 13.08 21.06
N SER B 46 28.01 11.89 20.82
CA SER B 46 28.59 11.03 21.87
C SER B 46 29.56 11.80 22.75
N SER B 47 30.35 12.67 22.12
CA SER B 47 31.44 13.35 22.79
C SER B 47 30.99 14.39 23.81
N ARG B 48 29.76 14.87 23.69
CA ARG B 48 29.25 15.91 24.60
C ARG B 48 27.94 15.53 25.27
N ARG B 49 27.52 14.27 25.14
CA ARG B 49 26.18 13.83 25.54
C ARG B 49 25.14 14.92 25.23
N SER B 50 25.05 15.28 23.95
CA SER B 50 24.13 16.32 23.51
C SER B 50 23.44 15.92 22.22
N LEU B 51 22.13 16.14 22.17
CA LEU B 51 21.39 16.04 20.92
C LEU B 51 21.57 17.37 20.18
N VAL B 52 21.88 17.31 18.89
CA VAL B 52 22.05 18.53 18.10
C VAL B 52 20.72 19.00 17.50
N LEU B 53 20.41 20.27 17.72
CA LEU B 53 19.14 20.86 17.30
C LEU B 53 19.37 22.21 16.67
N VAL B 54 18.28 22.86 16.27
CA VAL B 54 18.34 24.14 15.60
C VAL B 54 17.33 25.13 16.18
N LYS B 55 17.82 26.33 16.53
CA LYS B 55 16.98 27.47 16.85
C LYS B 55 16.84 28.34 15.62
N GLN B 56 15.63 28.80 15.32
CA GLN B 56 15.42 29.81 14.27
C GLN B 56 14.12 30.58 14.47
N PHE B 57 13.95 31.65 13.71
CA PHE B 57 12.83 32.55 13.87
C PHE B 57 11.73 32.19 12.88
N ARG B 58 10.60 31.76 13.41
CA ARG B 58 9.44 31.49 12.58
C ARG B 58 8.47 32.63 12.76
N PRO B 59 8.17 33.35 11.67
CA PRO B 59 7.22 34.47 11.73
C PRO B 59 5.91 34.09 12.44
N ALA B 60 5.32 32.98 12.02
CA ALA B 60 4.06 32.49 12.60
C ALA B 60 4.11 32.51 14.12
N VAL B 61 5.17 31.91 14.65
CA VAL B 61 5.40 31.84 16.09
C VAL B 61 5.50 33.23 16.72
N TYR B 62 6.25 34.14 16.11
CA TYR B 62 6.35 35.50 16.64
C TYR B 62 4.98 36.16 16.67
N ALA B 63 4.18 35.95 15.62
CA ALA B 63 2.83 36.50 15.55
C ALA B 63 2.00 36.09 16.76
N GLY B 64 1.98 34.79 17.04
CA GLY B 64 1.25 34.24 18.18
C GLY B 64 1.60 34.91 19.49
N GLU B 65 2.86 34.83 19.88
CA GLU B 65 3.32 35.36 21.17
C GLU B 65 2.98 36.84 21.33
N VAL B 66 3.27 37.64 20.31
CA VAL B 66 3.08 39.10 20.37
C VAL B 66 1.60 39.51 20.34
N GLU B 67 0.79 38.84 19.52
CA GLU B 67 -0.67 39.05 19.53
C GLU B 67 -1.23 38.92 20.95
N ARG B 68 -0.75 37.90 21.66
CA ARG B 68 -1.25 37.54 22.99
C ARG B 68 -0.24 37.90 24.08
N ALA B 93 12.57 34.95 21.04
CA ALA B 93 11.55 35.97 20.78
C ALA B 93 10.80 35.61 19.49
N GLY B 94 9.86 34.68 19.60
CA GLY B 94 9.26 34.09 18.40
C GLY B 94 10.30 33.22 17.71
N VAL B 95 10.94 32.38 18.51
CA VAL B 95 12.12 31.62 18.13
C VAL B 95 11.90 30.12 18.43
N THR B 96 11.84 29.30 17.40
CA THR B 96 11.49 27.87 17.60
C THR B 96 12.69 26.93 17.55
N VAL B 97 12.85 26.09 18.58
CA VAL B 97 13.79 24.99 18.50
C VAL B 97 13.20 23.87 17.64
N GLU B 98 13.97 23.47 16.63
CA GLU B 98 13.52 22.51 15.65
C GLU B 98 14.63 21.53 15.35
N LEU B 99 14.25 20.34 14.89
CA LEU B 99 15.19 19.41 14.27
C LEU B 99 15.70 20.00 12.97
N CYS B 100 16.99 19.80 12.72
CA CYS B 100 17.59 19.93 11.40
C CYS B 100 16.71 19.34 10.31
N ALA B 101 16.34 20.15 9.33
CA ALA B 101 15.35 19.73 8.33
C ALA B 101 15.55 20.41 6.98
N GLY B 102 14.80 19.93 5.99
CA GLY B 102 14.84 20.57 4.69
C GLY B 102 14.04 19.83 3.65
N LEU B 103 13.68 20.53 2.58
CA LEU B 103 12.86 19.99 1.53
C LEU B 103 13.66 19.07 0.62
N VAL B 104 12.97 18.09 0.05
CA VAL B 104 13.46 17.31 -1.07
C VAL B 104 12.96 18.00 -2.33
N ASP B 105 13.77 18.89 -2.91
CA ASP B 105 13.42 19.55 -4.17
C ASP B 105 14.33 19.15 -5.33
N GLN B 106 15.61 18.91 -5.02
CA GLN B 106 16.62 18.62 -6.02
C GLN B 106 16.51 17.16 -6.49
N PRO B 107 16.07 16.93 -7.75
CA PRO B 107 15.94 15.54 -8.19
C PRO B 107 17.29 14.83 -8.29
N GLY B 108 17.29 13.52 -8.06
CA GLY B 108 18.52 12.71 -8.11
C GLY B 108 19.33 12.70 -6.82
N LEU B 109 18.66 13.01 -5.71
CA LEU B 109 19.26 12.94 -4.38
C LEU B 109 18.35 12.11 -3.48
N SER B 110 18.91 11.04 -2.91
CA SER B 110 18.19 10.27 -1.93
C SER B 110 17.87 11.12 -0.70
N LEU B 111 16.79 10.78 -0.02
CA LEU B 111 16.42 11.42 1.22
C LEU B 111 17.65 11.54 2.12
N GLU B 112 18.41 10.47 2.20
CA GLU B 112 19.66 10.46 2.95
C GLU B 112 20.61 11.60 2.55
N GLU B 113 20.75 11.84 1.24
CA GLU B 113 21.61 12.91 0.76
C GLU B 113 21.11 14.28 1.25
N VAL B 114 19.79 14.49 1.21
CA VAL B 114 19.21 15.75 1.66
C VAL B 114 19.43 15.95 3.17
N ALA B 115 19.36 14.87 3.94
CA ALA B 115 19.63 14.96 5.39
C ALA B 115 21.04 15.44 5.64
N CYS B 116 22.01 14.89 4.90
CA CYS B 116 23.40 15.31 5.01
C CYS B 116 23.59 16.77 4.64
N LYS B 117 22.92 17.22 3.58
CA LYS B 117 23.08 18.59 3.11
C LYS B 117 22.76 19.52 4.26
N GLU B 118 21.55 19.37 4.79
CA GLU B 118 21.05 20.23 5.86
C GLU B 118 21.83 19.97 7.14
N ALA B 119 22.16 18.71 7.40
CA ALA B 119 23.09 18.37 8.49
C ALA B 119 24.32 19.27 8.46
N TRP B 120 24.82 19.55 7.26
CA TRP B 120 26.00 20.36 7.09
C TRP B 120 25.66 21.86 7.10
N GLU B 121 24.70 22.24 6.27
CA GLU B 121 24.32 23.65 6.12
C GLU B 121 23.75 24.25 7.42
N GLU B 122 22.85 23.52 8.07
CA GLU B 122 22.14 24.03 9.25
C GLU B 122 22.96 23.82 10.53
N CYS B 123 23.49 22.62 10.71
CA CYS B 123 24.15 22.24 11.96
C CYS B 123 25.68 22.28 11.90
N GLY B 124 26.25 22.33 10.70
CA GLY B 124 27.69 22.33 10.55
C GLY B 124 28.32 21.01 10.95
N TYR B 125 27.62 19.93 10.62
CA TYR B 125 28.10 18.57 10.86
C TYR B 125 28.26 17.85 9.53
N HIS B 126 29.42 17.20 9.38
CA HIS B 126 29.64 16.35 8.22
C HIS B 126 29.08 14.96 8.50
N LEU B 127 28.20 14.49 7.63
CA LEU B 127 27.66 13.13 7.73
C LEU B 127 27.87 12.36 6.44
N ALA B 128 27.81 11.04 6.55
CA ALA B 128 27.75 10.16 5.39
C ALA B 128 26.35 9.54 5.36
N PRO B 129 25.70 9.54 4.19
CA PRO B 129 24.36 8.93 4.05
C PRO B 129 24.23 7.57 4.72
N SER B 130 25.30 6.77 4.66
CA SER B 130 25.30 5.46 5.27
C SER B 130 25.31 5.51 6.81
N ASP B 131 25.74 6.63 7.38
CA ASP B 131 25.57 6.84 8.83
C ASP B 131 24.09 6.87 9.28
N LEU B 132 23.21 7.41 8.45
CA LEU B 132 21.83 7.68 8.85
C LEU B 132 20.97 6.43 9.02
N ARG B 133 20.38 6.30 10.19
CA ARG B 133 19.35 5.31 10.46
C ARG B 133 17.99 6.02 10.42
N ARG B 134 17.08 5.49 9.61
CA ARG B 134 15.72 6.00 9.53
C ARG B 134 14.98 5.69 10.84
N VAL B 135 14.27 6.67 11.35
CA VAL B 135 13.59 6.56 12.63
C VAL B 135 12.09 6.36 12.44
N ALA B 136 11.51 7.07 11.48
CA ALA B 136 10.09 7.02 11.21
C ALA B 136 9.82 7.84 9.96
N THR B 137 8.84 7.42 9.18
CA THR B 137 8.33 8.23 8.09
C THR B 137 6.84 8.44 8.34
N TYR B 138 6.31 9.56 7.86
CA TYR B 138 4.95 10.00 8.20
C TYR B 138 4.50 11.13 7.29
N TRP B 139 3.24 11.51 7.38
CA TRP B 139 2.73 12.61 6.59
C TRP B 139 2.54 13.83 7.48
N SER B 140 2.91 14.97 6.92
CA SER B 140 3.03 16.20 7.64
C SER B 140 2.28 17.29 6.88
N GLY B 141 1.08 17.63 7.35
CA GLY B 141 0.29 18.72 6.77
C GLY B 141 -1.17 18.37 6.52
N VAL B 142 -1.39 17.36 5.67
CA VAL B 142 -2.73 16.99 5.15
C VAL B 142 -3.46 18.20 4.55
N THR B 145 -1.49 20.08 -0.23
CA THR B 145 -1.26 21.10 0.78
C THR B 145 -0.31 20.63 1.89
N GLY B 146 -0.19 19.31 2.08
CA GLY B 146 0.72 18.73 3.08
C GLY B 146 1.71 17.74 2.47
N SER B 147 2.77 17.41 3.21
CA SER B 147 3.89 16.63 2.66
C SER B 147 4.35 15.43 3.49
N ARG B 148 4.92 14.47 2.76
CA ARG B 148 5.49 13.25 3.32
C ARG B 148 6.85 13.55 3.92
N GLN B 149 7.12 13.03 5.11
CA GLN B 149 8.36 13.37 5.82
C GLN B 149 9.03 12.17 6.43
N THR B 150 10.34 12.09 6.30
CA THR B 150 11.10 10.98 6.84
C THR B 150 12.09 11.53 7.85
N MET B 151 12.19 10.88 9.00
CA MET B 151 13.14 11.29 10.03
C MET B 151 14.25 10.26 10.14
N PHE B 152 15.48 10.79 10.29
CA PHE B 152 16.69 9.98 10.35
C PHE B 152 17.43 10.25 11.64
N TYR B 153 18.24 9.29 12.07
CA TYR B 153 19.04 9.42 13.30
C TYR B 153 20.49 9.08 13.04
N THR B 154 21.41 9.81 13.67
CA THR B 154 22.79 9.40 13.63
C THR B 154 23.60 9.83 14.84
N GLU B 155 24.56 8.99 15.20
CA GLU B 155 25.48 9.25 16.30
C GLU B 155 26.69 9.92 15.71
N VAL B 156 27.18 10.97 16.35
CA VAL B 156 28.31 11.73 15.83
C VAL B 156 29.27 12.18 16.93
N THR B 157 30.51 12.48 16.54
CA THR B 157 31.53 12.97 17.45
C THR B 157 32.01 14.36 17.05
N ASP B 158 32.77 14.99 17.92
CA ASP B 158 33.27 16.34 17.64
C ASP B 158 34.17 16.35 16.40
N ALA B 159 34.81 15.21 16.12
CA ALA B 159 35.56 15.03 14.88
C ALA B 159 34.73 15.47 13.67
N GLN B 160 33.41 15.29 13.72
CA GLN B 160 32.51 15.63 12.61
C GLN B 160 31.98 17.06 12.67
N ARG B 161 32.40 17.83 13.66
CA ARG B 161 31.87 19.16 13.85
C ARG B 161 32.78 20.18 13.18
N SER B 162 32.16 21.18 12.57
CA SER B 162 32.87 22.18 11.80
C SER B 162 33.17 23.43 12.64
N GLY B 172 21.95 35.14 3.71
CA GLY B 172 21.58 33.83 4.22
C GLY B 172 20.54 33.87 5.34
N GLU B 173 19.72 32.82 5.42
CA GLU B 173 18.77 32.65 6.53
C GLU B 173 19.53 32.44 7.84
N LEU B 174 18.88 32.75 8.95
CA LEU B 174 19.56 32.79 10.24
C LEU B 174 19.24 31.57 11.08
N ILE B 175 20.19 30.65 11.18
CA ILE B 175 20.05 29.45 11.99
C ILE B 175 21.20 29.34 12.98
N GLU B 176 20.86 29.12 14.24
CA GLU B 176 21.85 28.86 15.27
C GLU B 176 21.80 27.39 15.63
N VAL B 177 22.95 26.73 15.63
CA VAL B 177 23.02 25.34 16.06
C VAL B 177 22.74 25.33 17.55
N VAL B 178 22.23 24.22 18.06
CA VAL B 178 21.99 24.08 19.50
C VAL B 178 22.30 22.67 19.98
N HIS B 179 23.01 22.59 21.10
CA HIS B 179 23.36 21.30 21.71
C HIS B 179 22.64 21.18 23.02
N LEU B 180 21.72 20.23 23.11
CA LEU B 180 20.93 20.01 24.30
C LEU B 180 21.43 18.77 25.05
N PRO B 181 21.97 18.97 26.28
CA PRO B 181 22.37 17.85 27.14
C PRO B 181 21.24 16.88 27.46
N LEU B 182 21.56 15.60 27.60
CA LEU B 182 20.58 14.59 28.00
C LEU B 182 20.03 14.85 29.42
N GLU B 183 20.89 15.25 30.34
CA GLU B 183 20.49 15.52 31.74
C GLU B 183 19.18 16.29 31.84
N GLY B 184 19.07 17.40 31.11
CA GLY B 184 17.87 18.25 31.12
C GLY B 184 17.08 18.28 29.82
N ALA B 185 17.22 17.23 29.01
CA ALA B 185 16.54 17.15 27.72
C ALA B 185 15.05 16.86 27.87
N GLN B 186 14.72 15.89 28.71
CA GLN B 186 13.32 15.56 28.96
C GLN B 186 12.60 16.74 29.62
N ALA B 187 13.28 17.44 30.52
CA ALA B 187 12.74 18.63 31.17
C ALA B 187 12.64 19.79 30.18
N PHE B 188 13.55 19.82 29.22
CA PHE B 188 13.45 20.76 28.12
C PHE B 188 12.22 20.48 27.27
N ALA B 189 11.99 19.20 26.98
CA ALA B 189 10.90 18.80 26.10
C ALA B 189 9.55 19.20 26.66
N ASP B 190 9.47 19.30 27.99
CA ASP B 190 8.22 19.61 28.66
C ASP B 190 8.01 21.10 28.88
N ASP B 191 9.08 21.87 29.06
CA ASP B 191 8.99 23.30 29.38
C ASP B 191 8.30 24.10 28.26
N PRO B 192 6.99 24.39 28.41
CA PRO B 192 6.24 25.01 27.32
C PRO B 192 6.57 26.49 27.11
N ASP B 193 7.40 27.05 27.99
CA ASP B 193 7.90 28.41 27.84
C ASP B 193 8.82 28.56 26.62
N ILE B 194 9.41 27.44 26.16
CA ILE B 194 10.33 27.47 25.03
C ILE B 194 9.67 26.78 23.84
N PRO B 195 9.32 27.54 22.78
CA PRO B 195 8.73 26.97 21.57
C PRO B 195 9.56 25.88 20.87
N LYS B 196 8.90 24.75 20.58
CA LYS B 196 9.53 23.58 19.96
C LYS B 196 8.58 22.95 18.96
N THR B 197 9.12 22.17 18.05
CA THR B 197 8.31 21.40 17.12
C THR B 197 8.01 20.03 17.70
N LEU B 198 6.92 19.39 17.26
CA LEU B 198 6.62 18.00 17.63
C LEU B 198 7.79 17.07 17.37
N GLY B 199 8.50 17.28 16.25
CA GLY B 199 9.68 16.50 15.90
C GLY B 199 10.74 16.57 16.98
N VAL B 200 11.00 17.78 17.49
CA VAL B 200 11.90 17.89 18.62
C VAL B 200 11.38 16.99 19.75
N ILE B 201 10.11 17.17 20.14
CA ILE B 201 9.57 16.39 21.24
C ILE B 201 9.67 14.91 20.93
N PHE B 202 9.23 14.50 19.75
CA PHE B 202 9.26 13.09 19.43
C PHE B 202 10.69 12.58 19.51
N GLY B 203 11.61 13.26 18.80
CA GLY B 203 13.01 12.88 18.78
C GLY B 203 13.60 12.67 20.17
N VAL B 204 13.26 13.56 21.10
CA VAL B 204 13.74 13.45 22.46
C VAL B 204 13.09 12.27 23.16
N SER B 205 11.83 11.99 22.86
CA SER B 205 11.16 10.87 23.49
C SER B 205 11.68 9.57 22.90
N TRP B 206 11.89 9.54 21.60
CA TRP B 206 12.36 8.33 20.95
C TRP B 206 13.82 8.02 21.31
N PHE B 207 14.63 9.07 21.42
CA PHE B 207 16.03 8.87 21.81
C PHE B 207 16.16 8.29 23.22
N LEU B 208 15.49 8.91 24.19
CA LEU B 208 15.61 8.50 25.59
C LEU B 208 15.03 7.13 25.86
N SER B 209 14.15 6.65 24.98
CA SER B 209 13.51 5.36 25.19
C SER B 209 14.07 4.26 24.27
N GLN B 210 14.63 4.63 23.12
CA GLN B 210 15.15 3.63 22.19
C GLN B 210 16.65 3.61 22.07
N VAL B 211 17.33 4.70 22.46
CA VAL B 211 18.78 4.78 22.27
C VAL B 211 19.59 4.89 23.57
N ALA B 212 19.12 5.67 24.53
CA ALA B 212 19.88 6.00 25.75
C ALA B 212 20.15 4.83 26.71
N PRO B 213 19.14 3.96 26.94
CA PRO B 213 19.36 2.85 27.89
C PRO B 213 20.28 1.74 27.38
N ASN B 214 20.64 1.77 26.10
CA ASN B 214 21.61 0.81 25.53
C ASN B 214 23.06 1.30 25.56
N LEU B 215 23.27 2.56 25.95
CA LEU B 215 24.60 3.17 25.95
C LEU B 215 25.55 2.47 26.92
N ASP B 216 26.25 1.45 26.43
CA ASP B 216 27.19 0.69 27.25
C ASP B 216 28.51 1.43 27.44
N HIS C 36 -23.96 -18.95 -21.25
CA HIS C 36 -23.83 -17.75 -22.14
C HIS C 36 -22.38 -17.32 -22.33
N ASP C 37 -21.99 -17.12 -23.58
CA ASP C 37 -20.65 -16.64 -23.94
C ASP C 37 -20.36 -15.26 -23.35
N SER C 38 -19.13 -14.79 -23.53
CA SER C 38 -18.75 -13.46 -23.08
C SER C 38 -17.47 -12.97 -23.71
N VAL C 39 -17.21 -11.67 -23.56
CA VAL C 39 -16.09 -11.01 -24.18
C VAL C 39 -15.49 -10.00 -23.24
N THR C 40 -14.18 -9.85 -23.33
CA THR C 40 -13.44 -8.87 -22.57
C THR C 40 -12.53 -8.17 -23.56
N VAL C 41 -12.17 -6.92 -23.28
CA VAL C 41 -11.40 -6.13 -24.24
C VAL C 41 -10.43 -5.17 -23.54
N LEU C 42 -9.16 -5.30 -23.91
CA LEU C 42 -8.09 -4.48 -23.38
C LEU C 42 -7.81 -3.43 -24.45
N LEU C 43 -7.79 -2.17 -24.03
CA LEU C 43 -7.46 -1.07 -24.92
C LEU C 43 -6.11 -0.45 -24.53
N PHE C 44 -5.30 -0.07 -25.51
CA PHE C 44 -4.13 0.77 -25.23
C PHE C 44 -4.32 2.15 -25.85
N ASN C 45 -4.39 3.19 -25.02
CA ASN C 45 -4.50 4.55 -25.52
C ASN C 45 -3.11 5.14 -25.79
N SER C 46 -2.72 5.22 -27.07
CA SER C 46 -1.39 5.72 -27.46
C SER C 46 -1.14 7.15 -27.00
N SER C 47 -2.21 7.94 -26.95
CA SER C 47 -2.09 9.36 -26.71
C SER C 47 -1.69 9.68 -25.27
N ARG C 48 -2.07 8.80 -24.36
CA ARG C 48 -1.74 8.97 -22.94
C ARG C 48 -0.78 7.90 -22.42
N ARG C 49 -0.44 6.94 -23.28
CA ARG C 49 0.36 5.77 -22.91
C ARG C 49 -0.18 5.03 -21.69
N SER C 50 -1.50 4.87 -21.67
CA SER C 50 -2.19 4.12 -20.63
C SER C 50 -2.90 2.90 -21.21
N LEU C 51 -3.36 2.04 -20.32
CA LEU C 51 -4.30 0.98 -20.66
C LEU C 51 -5.66 1.35 -20.05
N VAL C 52 -6.73 1.06 -20.78
CA VAL C 52 -8.07 1.37 -20.30
C VAL C 52 -8.58 0.17 -19.55
N LEU C 53 -8.99 0.42 -18.30
CA LEU C 53 -9.57 -0.58 -17.43
C LEU C 53 -10.84 0.03 -16.83
N VAL C 54 -11.51 -0.74 -15.98
CA VAL C 54 -12.80 -0.36 -15.42
C VAL C 54 -12.83 -0.77 -13.96
N LYS C 55 -13.62 -0.06 -13.14
CA LYS C 55 -13.77 -0.32 -11.70
C LYS C 55 -15.24 -0.53 -11.35
N GLN C 56 -15.53 -1.46 -10.44
CA GLN C 56 -16.92 -1.70 -9.98
C GLN C 56 -17.06 -1.75 -8.46
N ALA C 93 -14.63 0.67 -0.40
CA ALA C 93 -13.46 -0.19 -0.40
C ALA C 93 -13.75 -1.58 -1.01
N GLY C 94 -14.82 -1.68 -1.79
CA GLY C 94 -15.15 -2.90 -2.54
C GLY C 94 -14.81 -2.75 -4.02
N VAL C 95 -13.78 -1.94 -4.30
CA VAL C 95 -13.43 -1.55 -5.66
C VAL C 95 -12.55 -2.58 -6.34
N THR C 96 -13.09 -3.24 -7.37
CA THR C 96 -12.36 -4.23 -8.13
C THR C 96 -12.04 -3.69 -9.54
N VAL C 97 -10.76 -3.62 -9.89
CA VAL C 97 -10.33 -3.16 -11.21
C VAL C 97 -10.40 -4.30 -12.21
N GLU C 98 -11.25 -4.15 -13.24
CA GLU C 98 -11.52 -5.19 -14.23
C GLU C 98 -11.22 -4.72 -15.64
N LEU C 99 -11.25 -5.66 -16.58
CA LEU C 99 -11.21 -5.31 -18.00
C LEU C 99 -12.63 -5.01 -18.48
N CYS C 100 -12.74 -4.18 -19.52
CA CYS C 100 -14.02 -3.90 -20.18
C CYS C 100 -14.62 -5.21 -20.66
N ALA C 101 -15.90 -5.44 -20.38
CA ALA C 101 -16.48 -6.76 -20.64
C ALA C 101 -18.01 -6.75 -20.72
N GLY C 102 -18.56 -7.83 -21.25
CA GLY C 102 -20.00 -8.00 -21.29
C GLY C 102 -20.36 -9.34 -21.88
N LEU C 103 -21.61 -9.74 -21.71
CA LEU C 103 -22.07 -11.03 -22.20
C LEU C 103 -22.50 -10.97 -23.66
N VAL C 104 -22.19 -12.03 -24.41
CA VAL C 104 -22.78 -12.21 -25.73
C VAL C 104 -24.24 -12.51 -25.47
N ASP C 105 -25.03 -11.44 -25.40
CA ASP C 105 -26.36 -11.46 -24.83
C ASP C 105 -27.43 -11.62 -25.90
N GLN C 106 -27.41 -10.72 -26.87
CA GLN C 106 -28.42 -10.67 -27.94
C GLN C 106 -28.17 -11.79 -28.97
N PRO C 107 -29.25 -12.34 -29.55
CA PRO C 107 -29.07 -13.27 -30.68
C PRO C 107 -28.35 -12.62 -31.85
N GLY C 108 -27.49 -13.39 -32.51
CA GLY C 108 -26.87 -12.99 -33.78
C GLY C 108 -26.02 -11.73 -33.73
N LEU C 109 -25.19 -11.60 -32.69
CA LEU C 109 -24.19 -10.53 -32.63
C LEU C 109 -22.79 -11.13 -32.61
N SER C 110 -21.94 -10.61 -33.50
CA SER C 110 -20.55 -11.01 -33.62
C SER C 110 -19.82 -10.69 -32.32
N LEU C 111 -18.90 -11.57 -31.93
CA LEU C 111 -18.18 -11.35 -30.68
C LEU C 111 -17.56 -9.97 -30.65
N GLU C 112 -16.90 -9.60 -31.75
CA GLU C 112 -16.15 -8.34 -31.77
C GLU C 112 -17.10 -7.15 -31.77
N GLU C 113 -18.33 -7.36 -32.23
CA GLU C 113 -19.34 -6.31 -32.13
C GLU C 113 -19.75 -6.10 -30.67
N VAL C 114 -20.05 -7.18 -29.97
CA VAL C 114 -20.30 -7.09 -28.51
C VAL C 114 -19.17 -6.37 -27.80
N ALA C 115 -17.94 -6.63 -28.22
CA ALA C 115 -16.77 -5.94 -27.70
C ALA C 115 -16.89 -4.43 -27.96
N CYS C 116 -17.17 -4.05 -29.20
CA CYS C 116 -17.31 -2.66 -29.56
C CYS C 116 -18.40 -1.98 -28.75
N LYS C 117 -19.52 -2.68 -28.56
CA LYS C 117 -20.64 -2.15 -27.79
C LYS C 117 -20.23 -1.76 -26.39
N GLU C 118 -19.58 -2.68 -25.68
CA GLU C 118 -19.20 -2.46 -24.29
C GLU C 118 -18.02 -1.51 -24.17
N ALA C 119 -17.11 -1.54 -25.14
CA ALA C 119 -16.07 -0.53 -25.27
C ALA C 119 -16.68 0.88 -25.25
N TRP C 120 -17.79 1.06 -25.96
CA TRP C 120 -18.47 2.34 -26.01
C TRP C 120 -19.29 2.60 -24.76
N GLU C 121 -20.19 1.67 -24.44
CA GLU C 121 -21.10 1.82 -23.29
C GLU C 121 -20.34 1.92 -21.97
N GLU C 122 -19.38 1.02 -21.74
CA GLU C 122 -18.59 1.05 -20.51
C GLU C 122 -17.50 2.12 -20.52
N CYS C 123 -16.70 2.15 -21.57
CA CYS C 123 -15.45 2.95 -21.55
C CYS C 123 -15.50 4.27 -22.32
N GLY C 124 -16.50 4.47 -23.17
CA GLY C 124 -16.63 5.70 -23.94
C GLY C 124 -15.64 5.76 -25.09
N TYR C 125 -15.37 4.61 -25.71
CA TYR C 125 -14.46 4.56 -26.85
C TYR C 125 -15.17 4.00 -28.08
N HIS C 126 -15.00 4.69 -29.21
CA HIS C 126 -15.44 4.18 -30.49
C HIS C 126 -14.42 3.20 -31.05
N LEU C 127 -14.91 1.99 -31.36
CA LEU C 127 -14.10 0.93 -31.92
C LEU C 127 -14.80 0.27 -33.09
N ALA C 128 -14.02 -0.13 -34.09
CA ALA C 128 -14.53 -0.96 -35.18
C ALA C 128 -14.09 -2.40 -34.96
N PRO C 129 -14.98 -3.36 -35.26
CA PRO C 129 -14.66 -4.78 -35.28
C PRO C 129 -13.33 -5.12 -35.94
N SER C 130 -12.96 -4.40 -36.99
CA SER C 130 -11.70 -4.65 -37.69
C SER C 130 -10.46 -4.18 -36.92
N ASP C 131 -10.66 -3.37 -35.89
CA ASP C 131 -9.56 -2.95 -35.00
C ASP C 131 -9.14 -4.03 -33.97
N LEU C 132 -10.11 -4.85 -33.57
CA LEU C 132 -9.93 -5.84 -32.53
C LEU C 132 -9.02 -6.99 -32.97
N ARG C 133 -8.05 -7.29 -32.10
CA ARG C 133 -7.18 -8.45 -32.22
C ARG C 133 -7.60 -9.44 -31.14
N ARG C 134 -7.76 -10.71 -31.52
CA ARG C 134 -8.13 -11.73 -30.58
C ARG C 134 -6.87 -12.18 -29.83
N VAL C 135 -6.81 -11.92 -28.52
CA VAL C 135 -5.62 -12.30 -27.76
C VAL C 135 -5.76 -13.75 -27.31
N ALA C 136 -6.91 -14.12 -26.78
CA ALA C 136 -7.15 -15.49 -26.33
C ALA C 136 -8.62 -15.80 -26.12
N THR C 137 -8.95 -17.09 -26.10
CA THR C 137 -10.28 -17.55 -25.71
C THR C 137 -10.10 -18.64 -24.69
N TYR C 138 -11.01 -18.71 -23.73
CA TYR C 138 -10.85 -19.60 -22.57
C TYR C 138 -12.20 -19.83 -21.90
N TRP C 139 -12.21 -20.62 -20.84
CA TRP C 139 -13.42 -20.86 -20.07
C TRP C 139 -13.30 -20.26 -18.70
N SER C 140 -14.35 -19.53 -18.31
CA SER C 140 -14.47 -18.97 -16.98
C SER C 140 -15.73 -19.51 -16.34
N GLY C 141 -15.88 -19.29 -15.03
CA GLY C 141 -17.08 -19.72 -14.32
C GLY C 141 -17.00 -21.14 -13.80
N VAL C 142 -16.53 -22.07 -14.64
CA VAL C 142 -16.55 -23.53 -14.39
C VAL C 142 -17.61 -24.01 -13.37
N SER C 147 -19.05 -20.22 -18.48
CA SER C 147 -18.97 -19.25 -19.55
C SER C 147 -17.69 -19.39 -20.38
N ARG C 148 -17.85 -19.47 -21.70
CA ARG C 148 -16.75 -19.27 -22.62
C ARG C 148 -16.46 -17.79 -22.65
N GLN C 149 -15.23 -17.41 -22.98
CA GLN C 149 -14.87 -16.01 -23.04
C GLN C 149 -13.78 -15.79 -24.07
N THR C 150 -13.87 -14.68 -24.81
CA THR C 150 -12.85 -14.28 -25.77
C THR C 150 -12.36 -12.88 -25.45
N MET C 151 -11.03 -12.76 -25.27
CA MET C 151 -10.42 -11.47 -24.96
C MET C 151 -9.94 -10.87 -26.25
N PHE C 152 -10.18 -9.57 -26.38
CA PHE C 152 -9.74 -8.81 -27.52
C PHE C 152 -8.82 -7.67 -27.09
N TYR C 153 -7.92 -7.29 -27.99
CA TYR C 153 -7.07 -6.14 -27.79
C TYR C 153 -7.19 -5.15 -28.96
N THR C 154 -7.11 -3.86 -28.66
CA THR C 154 -6.78 -2.86 -29.68
C THR C 154 -6.18 -1.58 -29.16
N GLU C 155 -5.36 -0.96 -30.00
CA GLU C 155 -4.81 0.36 -29.77
C GLU C 155 -5.88 1.38 -30.09
N VAL C 156 -5.93 2.46 -29.33
CA VAL C 156 -6.84 3.55 -29.63
C VAL C 156 -6.10 4.86 -29.41
N THR C 157 -6.71 5.95 -29.86
CA THR C 157 -6.23 7.29 -29.55
C THR C 157 -7.40 8.13 -29.03
N ASP C 158 -7.08 9.31 -28.51
CA ASP C 158 -8.08 10.23 -27.98
C ASP C 158 -9.15 10.56 -29.02
N ALA C 159 -8.80 10.49 -30.30
CA ALA C 159 -9.76 10.73 -31.37
C ALA C 159 -10.92 9.75 -31.32
N GLN C 160 -10.72 8.61 -30.66
CA GLN C 160 -11.72 7.55 -30.61
C GLN C 160 -12.51 7.56 -29.33
N ARG C 161 -12.57 8.71 -28.67
CA ARG C 161 -13.03 8.82 -27.31
C ARG C 161 -14.18 9.80 -27.17
N SER C 162 -15.27 9.34 -26.56
CA SER C 162 -16.42 10.19 -26.25
C SER C 162 -16.05 11.28 -25.24
N GLY C 163 -16.95 12.25 -25.07
CA GLY C 163 -16.76 13.35 -24.11
C GLY C 163 -17.90 13.47 -23.11
N LEU C 174 -23.23 1.29 -13.04
CA LEU C 174 -22.39 2.39 -12.57
C LEU C 174 -20.94 1.94 -12.33
N ILE C 175 -20.15 1.94 -13.40
CA ILE C 175 -18.72 1.63 -13.36
C ILE C 175 -17.97 2.90 -13.73
N GLU C 176 -16.68 2.97 -13.41
CA GLU C 176 -15.89 4.17 -13.68
C GLU C 176 -14.56 3.83 -14.33
N VAL C 177 -14.32 4.41 -15.50
CA VAL C 177 -13.15 4.12 -16.34
C VAL C 177 -11.85 4.52 -15.67
N VAL C 178 -10.80 3.74 -15.92
CA VAL C 178 -9.50 3.93 -15.30
C VAL C 178 -8.42 3.84 -16.37
N HIS C 179 -7.39 4.68 -16.26
CA HIS C 179 -6.27 4.66 -17.20
C HIS C 179 -4.99 4.33 -16.45
N LEU C 180 -4.37 3.22 -16.80
CA LEU C 180 -3.16 2.71 -16.13
C LEU C 180 -1.94 3.02 -16.97
N PRO C 181 -1.15 4.04 -16.58
CA PRO C 181 0.11 4.32 -17.25
C PRO C 181 1.00 3.09 -17.35
N LEU C 182 1.62 2.89 -18.51
CA LEU C 182 2.46 1.73 -18.75
C LEU C 182 3.61 1.63 -17.76
N GLU C 183 4.19 2.78 -17.41
CA GLU C 183 5.43 2.80 -16.66
C GLU C 183 5.32 2.11 -15.30
N GLY C 184 4.12 2.14 -14.71
CA GLY C 184 3.88 1.45 -13.43
C GLY C 184 2.88 0.32 -13.54
N ALA C 185 2.66 -0.20 -14.74
CA ALA C 185 1.60 -1.17 -15.00
C ALA C 185 1.94 -2.54 -14.43
N GLN C 186 3.19 -2.95 -14.62
CA GLN C 186 3.65 -4.23 -14.12
C GLN C 186 3.59 -4.26 -12.60
N ALA C 187 4.12 -3.21 -11.98
CA ALA C 187 4.08 -3.06 -10.52
C ALA C 187 2.64 -3.00 -10.00
N PHE C 188 1.80 -2.20 -10.64
CA PHE C 188 0.38 -2.15 -10.31
C PHE C 188 -0.22 -3.54 -10.29
N ALA C 189 0.15 -4.35 -11.29
CA ALA C 189 -0.33 -5.71 -11.41
C ALA C 189 0.17 -6.57 -10.25
N ASP C 190 1.49 -6.64 -10.08
CA ASP C 190 2.12 -7.40 -8.97
C ASP C 190 1.55 -7.14 -7.58
N ASP C 191 1.08 -5.91 -7.34
CA ASP C 191 0.66 -5.47 -6.00
C ASP C 191 -0.56 -6.23 -5.49
N PRO C 192 -0.37 -7.11 -4.51
CA PRO C 192 -1.45 -7.95 -4.02
C PRO C 192 -2.51 -7.19 -3.22
N ASP C 193 -2.19 -5.99 -2.78
CA ASP C 193 -3.12 -5.18 -2.00
C ASP C 193 -3.97 -4.28 -2.87
N ILE C 194 -4.26 -4.71 -4.11
CA ILE C 194 -5.15 -3.99 -5.03
C ILE C 194 -6.05 -4.98 -5.75
N PRO C 195 -7.36 -4.95 -5.45
CA PRO C 195 -8.23 -5.96 -6.06
C PRO C 195 -8.34 -5.83 -7.58
N LYS C 196 -7.62 -6.71 -8.29
CA LYS C 196 -7.65 -6.81 -9.76
C LYS C 196 -8.39 -8.09 -10.16
N THR C 197 -8.43 -8.40 -11.45
CA THR C 197 -8.87 -9.72 -11.94
C THR C 197 -7.72 -10.40 -12.66
N LEU C 198 -7.85 -11.69 -12.96
CA LEU C 198 -6.79 -12.37 -13.72
C LEU C 198 -6.73 -11.76 -15.11
N GLY C 199 -7.91 -11.41 -15.65
CA GLY C 199 -7.99 -10.63 -16.86
C GLY C 199 -7.03 -9.45 -16.85
N VAL C 200 -7.07 -8.64 -15.81
CA VAL C 200 -6.25 -7.44 -15.79
C VAL C 200 -4.79 -7.88 -15.78
N ILE C 201 -4.50 -8.81 -14.88
CA ILE C 201 -3.14 -9.24 -14.65
C ILE C 201 -2.60 -9.89 -15.88
N PHE C 202 -3.42 -10.74 -16.50
CA PHE C 202 -3.04 -11.38 -17.74
C PHE C 202 -2.79 -10.32 -18.80
N GLY C 203 -3.76 -9.41 -18.93
CA GLY C 203 -3.72 -8.35 -19.93
C GLY C 203 -2.45 -7.53 -19.88
N VAL C 204 -2.07 -7.11 -18.68
CA VAL C 204 -0.85 -6.31 -18.52
C VAL C 204 0.36 -7.16 -18.88
N SER C 205 0.34 -8.40 -18.44
CA SER C 205 1.47 -9.31 -18.65
C SER C 205 1.61 -9.61 -20.13
N TRP C 206 0.49 -9.85 -20.78
CA TRP C 206 0.49 -10.13 -22.21
C TRP C 206 0.88 -8.88 -22.98
N PHE C 207 0.26 -7.76 -22.65
CA PHE C 207 0.55 -6.52 -23.37
C PHE C 207 2.02 -6.19 -23.26
N LEU C 208 2.57 -6.25 -22.05
CA LEU C 208 3.96 -5.84 -21.80
C LEU C 208 5.01 -6.73 -22.48
N SER C 209 4.62 -7.96 -22.85
CA SER C 209 5.53 -8.92 -23.46
C SER C 209 5.34 -9.10 -24.96
N GLN C 210 4.15 -8.81 -25.46
CA GLN C 210 3.80 -9.09 -26.86
C GLN C 210 3.70 -7.83 -27.71
N VAL C 211 3.21 -6.74 -27.11
CA VAL C 211 2.92 -5.50 -27.82
C VAL C 211 3.97 -4.42 -27.55
N ALA C 212 4.14 -4.10 -26.25
CA ALA C 212 5.04 -3.03 -25.80
C ALA C 212 6.44 -3.02 -26.44
N PRO C 213 7.12 -4.19 -26.51
CA PRO C 213 8.47 -4.20 -27.12
C PRO C 213 8.50 -3.85 -28.60
N ASN C 214 7.48 -4.27 -29.35
CA ASN C 214 7.38 -3.95 -30.78
C ASN C 214 6.82 -2.54 -31.04
N LEU C 215 6.78 -1.72 -29.99
CA LEU C 215 6.10 -0.43 -29.99
C LEU C 215 7.15 0.67 -29.85
N ASP C 216 6.68 1.92 -29.75
CA ASP C 216 7.56 3.09 -29.56
C ASP C 216 7.43 3.61 -28.12
N THR D 35 -4.80 30.11 11.51
CA THR D 35 -4.23 31.03 12.54
C THR D 35 -4.53 30.54 13.97
N HIS D 36 -5.69 29.93 14.17
CA HIS D 36 -6.12 29.45 15.49
C HIS D 36 -5.28 28.27 15.97
N ASP D 37 -5.20 28.12 17.28
CA ASP D 37 -4.51 27.00 17.92
C ASP D 37 -5.31 25.71 17.79
N SER D 38 -4.76 24.61 18.32
CA SER D 38 -5.44 23.32 18.25
C SER D 38 -5.07 22.40 19.41
N VAL D 39 -5.81 21.30 19.52
CA VAL D 39 -5.54 20.24 20.49
C VAL D 39 -5.69 18.87 19.83
N THR D 40 -4.87 17.92 20.27
CA THR D 40 -5.15 16.53 19.99
C THR D 40 -5.31 15.74 21.28
N VAL D 41 -5.79 14.51 21.15
CA VAL D 41 -6.09 13.69 22.32
C VAL D 41 -5.91 12.22 21.98
N LEU D 42 -5.05 11.55 22.75
CA LEU D 42 -4.82 10.12 22.62
C LEU D 42 -5.63 9.42 23.70
N LEU D 43 -6.54 8.55 23.29
CA LEU D 43 -7.33 7.79 24.21
C LEU D 43 -6.82 6.36 24.26
N PHE D 44 -6.70 5.81 25.46
CA PHE D 44 -6.43 4.38 25.67
C PHE D 44 -7.65 3.70 26.30
N ASN D 45 -8.20 2.71 25.62
CA ASN D 45 -9.35 1.97 26.15
C ASN D 45 -8.85 0.72 26.84
N SER D 46 -8.88 0.71 28.18
CA SER D 46 -8.32 -0.41 28.95
C SER D 46 -9.18 -1.69 28.87
N SER D 47 -10.47 -1.52 28.62
CA SER D 47 -11.36 -2.65 28.38
C SER D 47 -10.87 -3.43 27.17
N ARG D 48 -10.63 -2.73 26.07
CA ARG D 48 -10.24 -3.37 24.81
C ARG D 48 -8.71 -3.49 24.66
N ARG D 49 -7.96 -2.96 25.64
CA ARG D 49 -6.50 -2.91 25.54
C ARG D 49 -6.14 -2.37 24.14
N SER D 50 -6.68 -1.20 23.82
CA SER D 50 -6.55 -0.62 22.49
C SER D 50 -6.40 0.89 22.54
N LEU D 51 -5.56 1.42 21.65
CA LEU D 51 -5.47 2.86 21.44
C LEU D 51 -6.56 3.33 20.46
N VAL D 52 -7.11 4.52 20.71
CA VAL D 52 -8.22 5.03 19.93
C VAL D 52 -7.70 6.09 19.00
N LEU D 53 -7.92 5.89 17.71
CA LEU D 53 -7.41 6.79 16.71
C LEU D 53 -8.50 7.10 15.72
N VAL D 54 -8.17 7.99 14.78
CA VAL D 54 -9.08 8.47 13.76
C VAL D 54 -8.45 8.22 12.39
N LYS D 55 -9.30 8.20 11.35
CA LYS D 55 -8.80 8.16 9.98
C LYS D 55 -9.81 8.69 8.97
N GLN D 56 -9.29 9.25 7.90
CA GLN D 56 -10.10 9.79 6.83
C GLN D 56 -9.30 9.89 5.54
N PHE D 57 -10.02 9.99 4.42
CA PHE D 57 -9.37 10.23 3.13
C PHE D 57 -8.75 11.62 3.11
N ARG D 58 -7.53 11.73 2.61
CA ARG D 58 -6.87 13.02 2.45
C ARG D 58 -6.39 13.17 1.01
N PRO D 59 -7.06 14.03 0.22
CA PRO D 59 -6.73 14.22 -1.20
C PRO D 59 -5.22 14.28 -1.49
N ALA D 60 -4.50 15.03 -0.66
CA ALA D 60 -3.06 15.21 -0.81
C ALA D 60 -2.27 13.91 -0.66
N VAL D 61 -2.65 13.09 0.31
CA VAL D 61 -1.98 11.82 0.55
C VAL D 61 -2.26 10.89 -0.62
N TYR D 62 -3.46 11.00 -1.20
CA TYR D 62 -3.80 10.23 -2.40
C TYR D 62 -2.95 10.74 -3.55
N ALA D 63 -2.92 12.06 -3.72
CA ALA D 63 -2.07 12.66 -4.74
C ALA D 63 -0.66 12.07 -4.68
N GLY D 64 0.02 12.27 -3.55
CA GLY D 64 1.40 11.85 -3.38
C GLY D 64 1.65 10.37 -3.65
N GLU D 65 0.68 9.53 -3.29
CA GLU D 65 0.79 8.09 -3.51
C GLU D 65 0.60 7.73 -4.96
N VAL D 66 -0.34 8.40 -5.63
CA VAL D 66 -0.51 8.23 -7.07
C VAL D 66 0.79 8.58 -7.75
N GLU D 67 1.40 9.69 -7.34
CA GLU D 67 2.66 10.16 -7.89
C GLU D 67 3.81 9.14 -7.85
N ARG D 68 3.69 8.08 -7.06
CA ARG D 68 4.52 6.89 -7.26
C ARG D 68 3.63 5.75 -7.78
N ARG D 69 3.49 5.65 -9.10
CA ARG D 69 2.65 4.62 -9.70
C ARG D 69 3.36 3.26 -9.65
N LEU D 89 -7.96 6.89 -12.38
CA LEU D 89 -6.93 6.51 -11.42
C LEU D 89 -7.23 5.16 -10.75
N PRO D 90 -6.19 4.35 -10.49
CA PRO D 90 -6.39 3.00 -9.92
C PRO D 90 -6.34 2.85 -8.40
N GLY D 91 -5.69 3.77 -7.69
CA GLY D 91 -5.61 3.69 -6.22
C GLY D 91 -6.98 3.81 -5.56
N SER D 92 -6.99 3.86 -4.23
CA SER D 92 -8.23 3.86 -3.46
C SER D 92 -8.08 4.42 -2.04
N ALA D 93 -7.23 3.78 -1.24
CA ALA D 93 -6.88 4.28 0.09
C ALA D 93 -5.70 5.28 0.05
N GLY D 94 -6.03 6.56 0.09
CA GLY D 94 -5.16 7.61 0.63
C GLY D 94 -5.77 7.99 2.00
N VAL D 95 -6.19 6.95 2.73
CA VAL D 95 -6.81 7.09 4.04
C VAL D 95 -5.69 7.15 5.07
N THR D 96 -5.66 8.24 5.84
CA THR D 96 -4.57 8.47 6.78
C THR D 96 -5.08 8.36 8.20
N VAL D 97 -4.21 7.91 9.09
CA VAL D 97 -4.53 7.79 10.51
C VAL D 97 -4.01 8.98 11.30
N GLU D 98 -4.89 9.58 12.09
CA GLU D 98 -4.53 10.77 12.86
C GLU D 98 -4.96 10.61 14.31
N LEU D 99 -4.42 11.45 15.18
CA LEU D 99 -4.96 11.59 16.52
C LEU D 99 -6.26 12.37 16.43
N CYS D 100 -7.20 12.02 17.29
CA CYS D 100 -8.41 12.83 17.43
C CYS D 100 -8.02 14.28 17.75
N ALA D 101 -8.63 15.23 17.03
CA ALA D 101 -8.12 16.60 17.01
C ALA D 101 -9.17 17.62 16.58
N GLY D 102 -8.91 18.87 16.95
CA GLY D 102 -9.76 19.97 16.53
C GLY D 102 -9.20 21.31 16.93
N LEU D 103 -9.72 22.35 16.30
CA LEU D 103 -9.25 23.72 16.53
C LEU D 103 -9.84 24.32 17.78
N VAL D 104 -9.20 25.37 18.27
CA VAL D 104 -9.72 26.17 19.36
C VAL D 104 -10.41 27.40 18.76
N ASP D 105 -11.69 27.24 18.42
CA ASP D 105 -12.49 28.32 17.84
C ASP D 105 -13.36 28.97 18.90
N GLN D 106 -14.12 28.11 19.61
CA GLN D 106 -14.99 28.53 20.70
C GLN D 106 -14.16 29.25 21.77
N PRO D 107 -14.40 30.56 21.95
CA PRO D 107 -13.64 31.31 22.95
C PRO D 107 -14.18 31.07 24.37
N GLY D 108 -13.31 31.20 25.37
CA GLY D 108 -13.69 30.96 26.76
C GLY D 108 -13.85 29.48 27.07
N LEU D 109 -13.13 28.64 26.32
CA LEU D 109 -13.19 27.20 26.50
C LEU D 109 -11.78 26.65 26.68
N SER D 110 -11.62 25.85 27.74
CA SER D 110 -10.35 25.22 28.03
C SER D 110 -9.85 24.52 26.80
N LEU D 111 -8.54 24.30 26.75
CA LEU D 111 -8.00 23.39 25.77
C LEU D 111 -8.58 21.99 26.03
N GLU D 112 -8.74 21.63 27.31
CA GLU D 112 -9.26 20.29 27.64
C GLU D 112 -10.74 20.16 27.32
N GLU D 113 -11.45 21.27 27.33
CA GLU D 113 -12.85 21.29 26.91
C GLU D 113 -12.95 20.98 25.42
N VAL D 114 -12.04 21.55 24.63
CA VAL D 114 -12.02 21.30 23.18
C VAL D 114 -11.68 19.84 22.91
N ALA D 115 -10.73 19.30 23.67
CA ALA D 115 -10.39 17.89 23.57
C ALA D 115 -11.65 17.04 23.80
N CYS D 116 -12.37 17.36 24.86
CA CYS D 116 -13.58 16.63 25.20
C CYS D 116 -14.65 16.70 24.12
N LYS D 117 -14.83 17.88 23.54
CA LYS D 117 -15.79 18.04 22.46
C LYS D 117 -15.43 17.14 21.28
N GLU D 118 -14.17 17.19 20.87
CA GLU D 118 -13.70 16.42 19.74
C GLU D 118 -13.72 14.92 20.00
N ALA D 119 -13.34 14.50 21.21
CA ALA D 119 -13.42 13.08 21.59
C ALA D 119 -14.84 12.59 21.44
N TRP D 120 -15.80 13.46 21.79
CA TRP D 120 -17.20 13.15 21.64
C TRP D 120 -17.64 13.16 20.17
N GLU D 121 -17.36 14.26 19.48
CA GLU D 121 -17.86 14.41 18.12
C GLU D 121 -17.19 13.43 17.16
N GLU D 122 -15.88 13.26 17.28
CA GLU D 122 -15.11 12.41 16.37
C GLU D 122 -15.08 10.94 16.78
N CYS D 123 -14.81 10.67 18.05
CA CYS D 123 -14.57 9.29 18.51
C CYS D 123 -15.77 8.67 19.23
N GLY D 124 -16.71 9.51 19.63
CA GLY D 124 -17.88 9.04 20.36
C GLY D 124 -17.51 8.55 21.75
N TYR D 125 -16.56 9.23 22.38
CA TYR D 125 -16.19 8.92 23.77
C TYR D 125 -16.50 10.11 24.66
N HIS D 126 -17.12 9.82 25.80
CA HIS D 126 -17.35 10.84 26.80
C HIS D 126 -16.13 10.91 27.71
N LEU D 127 -15.50 12.08 27.76
CA LEU D 127 -14.45 12.36 28.71
C LEU D 127 -14.80 13.59 29.51
N ALA D 128 -14.16 13.73 30.67
CA ALA D 128 -14.22 14.96 31.44
C ALA D 128 -12.85 15.64 31.38
N PRO D 129 -12.82 16.99 31.37
CA PRO D 129 -11.56 17.71 31.50
C PRO D 129 -10.63 17.20 32.61
N SER D 130 -11.21 16.71 33.70
CA SER D 130 -10.42 16.14 34.78
C SER D 130 -9.82 14.79 34.45
N ASP D 131 -10.29 14.16 33.37
CA ASP D 131 -9.69 12.90 32.87
C ASP D 131 -8.42 13.14 32.04
N LEU D 132 -8.40 14.22 31.28
CA LEU D 132 -7.28 14.51 30.39
C LEU D 132 -6.04 14.83 31.19
N ARG D 133 -4.89 14.41 30.67
CA ARG D 133 -3.58 14.76 31.21
C ARG D 133 -2.73 15.29 30.07
N ARG D 134 -2.07 16.42 30.27
CA ARG D 134 -1.29 17.06 29.23
C ARG D 134 -0.02 16.24 28.97
N VAL D 135 0.21 15.93 27.69
CA VAL D 135 1.36 15.15 27.26
C VAL D 135 2.48 16.05 26.79
N ALA D 136 2.14 17.08 26.00
CA ALA D 136 3.13 17.96 25.40
C ALA D 136 2.51 19.19 24.74
N THR D 137 3.34 20.20 24.51
CA THR D 137 2.94 21.41 23.79
C THR D 137 4.04 21.84 22.79
N TYR D 138 3.62 22.22 21.59
CA TYR D 138 4.53 22.43 20.49
C TYR D 138 3.88 23.20 19.36
N TRP D 139 4.69 23.62 18.38
CA TRP D 139 4.16 24.26 17.17
C TRP D 139 4.08 23.34 15.99
N SER D 140 3.04 23.54 15.20
CA SER D 140 2.87 22.91 13.89
C SER D 140 2.82 24.00 12.83
N GLY D 141 3.17 23.63 11.61
CA GLY D 141 3.08 24.54 10.45
C GLY D 141 4.29 25.41 10.19
N VAL D 142 5.15 25.56 11.22
CA VAL D 142 6.40 26.36 11.14
C VAL D 142 6.80 26.85 9.74
N THR D 145 4.27 29.18 9.83
CA THR D 145 3.06 29.66 9.14
C THR D 145 1.79 28.94 9.64
N GLY D 146 1.83 28.38 10.86
CA GLY D 146 0.75 27.55 11.39
C GLY D 146 0.33 27.94 12.80
N SER D 147 0.23 26.96 13.71
CA SER D 147 -0.31 27.21 15.04
C SER D 147 0.20 26.30 16.17
N ARG D 148 -0.10 26.74 17.40
CA ARG D 148 0.28 26.03 18.60
C ARG D 148 -0.65 24.84 18.79
N GLN D 149 -0.20 23.83 19.53
CA GLN D 149 -0.96 22.60 19.66
C GLN D 149 -0.57 21.83 20.92
N THR D 150 -1.57 21.39 21.69
CA THR D 150 -1.37 20.70 22.96
C THR D 150 -1.99 19.30 22.91
N MET D 151 -1.24 18.31 23.40
CA MET D 151 -1.66 16.91 23.35
C MET D 151 -2.03 16.41 24.73
N PHE D 152 -3.23 15.85 24.83
CA PHE D 152 -3.74 15.29 26.06
C PHE D 152 -3.82 13.78 25.97
N TYR D 153 -3.74 13.12 27.11
CA TYR D 153 -3.92 11.69 27.19
C TYR D 153 -4.93 11.34 28.27
N THR D 154 -5.74 10.31 28.03
CA THR D 154 -6.55 9.75 29.09
C THR D 154 -6.93 8.31 28.84
N GLU D 155 -7.17 7.58 29.93
CA GLU D 155 -7.59 6.19 29.87
C GLU D 155 -9.11 6.17 29.85
N VAL D 156 -9.66 5.28 29.03
CA VAL D 156 -11.11 5.13 28.98
C VAL D 156 -11.49 3.65 29.03
N THR D 157 -12.79 3.40 29.22
CA THR D 157 -13.35 2.06 29.21
C THR D 157 -14.59 2.08 28.32
N ASP D 158 -15.11 0.90 27.99
CA ASP D 158 -16.32 0.80 27.16
C ASP D 158 -17.51 1.53 27.78
N ALA D 159 -17.48 1.69 29.10
CA ALA D 159 -18.49 2.49 29.78
C ALA D 159 -18.59 3.91 29.21
N GLN D 160 -17.56 4.35 28.49
CA GLN D 160 -17.53 5.72 27.94
C GLN D 160 -17.87 5.84 26.45
N ARG D 161 -18.36 4.75 25.84
CA ARG D 161 -18.85 4.76 24.46
C ARG D 161 -20.35 5.03 24.38
N LEU D 174 -16.97 9.21 7.07
CA LEU D 174 -16.05 10.25 6.63
C LEU D 174 -14.81 10.27 7.53
N ILE D 175 -14.99 10.50 8.83
CA ILE D 175 -13.89 10.45 9.81
C ILE D 175 -14.03 9.22 10.72
N GLU D 176 -13.84 8.04 10.15
CA GLU D 176 -14.03 6.78 10.87
C GLU D 176 -13.15 6.70 12.13
N VAL D 177 -13.53 5.84 13.07
CA VAL D 177 -12.78 5.68 14.32
C VAL D 177 -12.06 4.34 14.34
N VAL D 178 -10.83 4.35 14.84
CA VAL D 178 -9.94 3.19 14.75
C VAL D 178 -9.50 2.76 16.14
N HIS D 179 -9.53 1.45 16.38
CA HIS D 179 -9.01 0.86 17.61
C HIS D 179 -7.79 -0.01 17.28
N LEU D 180 -6.66 0.30 17.93
CA LEU D 180 -5.37 -0.31 17.62
C LEU D 180 -4.87 -1.09 18.81
N PRO D 181 -4.88 -2.43 18.72
CA PRO D 181 -4.42 -3.21 19.89
C PRO D 181 -2.96 -2.93 20.26
N LEU D 182 -2.68 -2.83 21.56
CA LEU D 182 -1.33 -2.59 22.05
C LEU D 182 -0.29 -3.53 21.44
N GLU D 183 -0.59 -4.83 21.44
CA GLU D 183 0.33 -5.85 20.92
C GLU D 183 0.87 -5.47 19.56
N GLY D 184 -0.03 -5.30 18.60
CA GLY D 184 0.34 -5.06 17.21
C GLY D 184 0.86 -3.66 16.93
N ALA D 185 0.61 -2.73 17.85
CA ALA D 185 0.74 -1.28 17.63
C ALA D 185 2.08 -0.79 17.08
N GLN D 186 3.18 -1.40 17.49
CA GLN D 186 4.49 -0.89 17.07
C GLN D 186 4.74 -1.21 15.61
N ALA D 187 4.44 -2.45 15.24
CA ALA D 187 4.46 -2.85 13.83
C ALA D 187 3.71 -1.83 12.98
N PHE D 188 2.65 -1.26 13.54
CA PHE D 188 1.79 -0.30 12.85
C PHE D 188 2.47 1.04 12.72
N ALA D 189 2.95 1.59 13.83
CA ALA D 189 3.74 2.82 13.83
C ALA D 189 4.88 2.71 12.81
N ASP D 190 5.61 1.60 12.87
CA ASP D 190 6.75 1.38 11.98
C ASP D 190 6.36 1.17 10.52
N ASP D 191 5.17 0.61 10.27
CA ASP D 191 4.79 0.28 8.89
C ASP D 191 4.65 1.56 8.06
N PRO D 192 5.59 1.79 7.13
CA PRO D 192 5.55 3.00 6.34
C PRO D 192 4.50 2.97 5.22
N ASP D 193 3.91 1.79 4.96
CA ASP D 193 2.90 1.67 3.92
C ASP D 193 1.53 2.16 4.40
N ILE D 194 1.42 2.47 5.69
CA ILE D 194 0.19 3.01 6.24
C ILE D 194 0.37 4.49 6.59
N PRO D 195 -0.27 5.38 5.81
CA PRO D 195 -0.15 6.79 6.13
C PRO D 195 -0.58 7.14 7.56
N LYS D 196 0.20 7.96 8.23
CA LYS D 196 -0.14 8.49 9.55
C LYS D 196 0.54 9.79 9.73
N THR D 197 0.10 10.51 10.75
CA THR D 197 0.71 11.75 11.16
C THR D 197 1.86 11.47 12.11
N LEU D 198 2.72 12.46 12.31
CA LEU D 198 3.78 12.34 13.32
C LEU D 198 3.18 12.07 14.70
N GLY D 199 2.02 12.68 14.96
CA GLY D 199 1.32 12.56 16.25
C GLY D 199 0.85 11.14 16.57
N VAL D 200 0.36 10.41 15.58
CA VAL D 200 0.07 8.99 15.82
C VAL D 200 1.36 8.32 16.27
N ILE D 201 2.43 8.67 15.55
CA ILE D 201 3.73 8.04 15.74
C ILE D 201 4.25 8.41 17.11
N PHE D 202 4.32 9.69 17.41
CA PHE D 202 4.72 10.11 18.75
C PHE D 202 3.78 9.56 19.79
N GLY D 203 2.51 9.42 19.40
CA GLY D 203 1.50 8.87 20.29
C GLY D 203 1.82 7.48 20.75
N VAL D 204 2.10 6.59 19.81
CA VAL D 204 2.28 5.19 20.17
C VAL D 204 3.59 4.99 20.90
N SER D 205 4.62 5.70 20.46
CA SER D 205 5.91 5.63 21.13
C SER D 205 5.76 6.06 22.59
N TRP D 206 5.20 7.25 22.82
CA TRP D 206 5.04 7.80 24.16
C TRP D 206 4.21 6.90 25.06
N PHE D 207 3.13 6.34 24.51
CA PHE D 207 2.30 5.48 25.33
C PHE D 207 3.14 4.33 25.80
N LEU D 208 3.80 3.67 24.84
CA LEU D 208 4.49 2.40 25.09
C LEU D 208 5.68 2.56 26.03
N SER D 209 6.36 3.70 25.97
CA SER D 209 7.46 3.97 26.90
C SER D 209 6.96 4.44 28.26
N GLN D 210 6.09 5.46 28.27
CA GLN D 210 5.68 6.11 29.52
C GLN D 210 4.51 5.45 30.27
N VAL D 211 3.50 4.98 29.55
CA VAL D 211 2.28 4.50 30.17
C VAL D 211 2.26 2.98 30.32
N ALA D 212 2.69 2.27 29.30
CA ALA D 212 2.56 0.80 29.26
C ALA D 212 3.24 0.01 30.38
N PRO D 213 4.47 0.40 30.80
CA PRO D 213 5.14 -0.38 31.84
C PRO D 213 4.47 -0.38 33.21
N ASN D 214 3.94 0.77 33.63
CA ASN D 214 3.25 0.88 34.93
C ASN D 214 1.88 0.21 34.86
N LEU D 215 1.20 0.40 33.74
CA LEU D 215 -0.07 -0.26 33.42
C LEU D 215 0.03 -1.77 33.58
N ASP D 216 -1.08 -2.39 34.00
CA ASP D 216 -1.12 -3.84 34.15
C ASP D 216 -1.31 -4.49 32.78
#